data_4LZL
#
_entry.id   4LZL
#
_cell.length_a   28.460
_cell.length_b   33.840
_cell.length_c   34.960
_cell.angle_alpha   92.65
_cell.angle_beta   103.71
_cell.angle_gamma   97.53
#
_symmetry.space_group_name_H-M   'P 1'
#
loop_
_entity.id
_entity.type
_entity.pdbx_description
1 polymer 'Response regulator'
2 non-polymer GLYCEROL
3 water water
#
_entity_poly.entity_id   1
_entity_poly.type   'polypeptide(L)'
_entity_poly.pdbx_seq_one_letter_code
;MGKRILLLEKERNLAHFLSLELQKEQYRVDLVEEGQKALSMALQTDYDLILLNVNLGDMMAQDFAEKLSRTKPASVIMIL
DHWEDLQEELEVVQRFAVSYIYKPVLIENLVARISAIFRGRDFI
;
_entity_poly.pdbx_strand_id   A
#
# COMPACT_ATOMS: atom_id res chain seq x y z
N GLY A 2 -0.10 -7.47 14.54
CA GLY A 2 -1.26 -8.31 14.25
C GLY A 2 -2.24 -7.70 13.24
N LYS A 3 -1.80 -6.65 12.58
CA LYS A 3 -2.65 -5.96 11.64
C LYS A 3 -2.72 -6.71 10.32
N ARG A 4 -3.73 -6.43 9.50
CA ARG A 4 -3.85 -7.06 8.20
C ARG A 4 -3.47 -6.08 7.07
N ILE A 5 -2.58 -6.52 6.18
CA ILE A 5 -2.02 -5.67 5.12
C ILE A 5 -2.32 -6.30 3.76
N LEU A 6 -2.81 -5.49 2.83
CA LEU A 6 -2.95 -5.89 1.43
C LEU A 6 -1.80 -5.25 0.66
N LEU A 7 -1.08 -6.05 -0.10
CA LEU A 7 0.16 -5.62 -0.73
C LEU A 7 0.14 -5.93 -2.21
N LEU A 8 0.31 -4.91 -3.04
CA LEU A 8 0.45 -5.08 -4.49
C LEU A 8 1.71 -4.30 -4.85
N GLU A 9 2.78 -5.01 -5.20
CA GLU A 9 4.08 -4.42 -5.50
C GLU A 9 4.65 -4.97 -6.79
N LYS A 10 4.96 -4.11 -7.76
CA LYS A 10 5.38 -4.60 -9.08
C LYS A 10 6.75 -5.28 -9.14
N GLU A 11 7.68 -4.92 -8.25
CA GLU A 11 8.98 -5.59 -8.18
C GLU A 11 8.84 -6.88 -7.40
N ARG A 12 9.02 -8.00 -8.06
CA ARG A 12 8.72 -9.28 -7.44
C ARG A 12 9.66 -9.60 -6.29
N ASN A 13 10.93 -9.19 -6.37
CA ASN A 13 11.84 -9.43 -5.25
C ASN A 13 11.35 -8.67 -4.02
N LEU A 14 11.06 -7.39 -4.21
CA LEU A 14 10.57 -6.58 -3.08
C LEU A 14 9.26 -7.14 -2.53
N ALA A 15 8.34 -7.48 -3.41
CA ALA A 15 7.05 -8.01 -2.96
C ALA A 15 7.23 -9.24 -2.07
N HIS A 16 8.03 -10.19 -2.53
CA HIS A 16 8.23 -11.43 -1.81
C HIS A 16 8.91 -11.20 -0.45
N PHE A 17 10.06 -10.55 -0.48
CA PHE A 17 10.80 -10.43 0.76
C PHE A 17 10.13 -9.44 1.72
N LEU A 18 9.43 -8.45 1.21
CA LEU A 18 8.66 -7.57 2.09
C LEU A 18 7.55 -8.38 2.80
N SER A 19 6.82 -9.18 2.04
N SER A 19 6.84 -9.21 2.04
CA SER A 19 5.75 -9.97 2.66
CA SER A 19 5.77 -10.03 2.60
C SER A 19 6.35 -10.86 3.76
C SER A 19 6.31 -10.92 3.72
N LEU A 20 7.50 -11.48 3.52
CA LEU A 20 8.10 -12.37 4.52
C LEU A 20 8.46 -11.62 5.78
N GLU A 21 9.04 -10.43 5.63
N GLU A 21 9.03 -10.43 5.64
CA GLU A 21 9.46 -9.66 6.79
CA GLU A 21 9.47 -9.66 6.80
C GLU A 21 8.25 -9.17 7.59
C GLU A 21 8.29 -9.08 7.59
N LEU A 22 7.21 -8.74 6.89
CA LEU A 22 5.98 -8.31 7.56
C LEU A 22 5.39 -9.48 8.33
N GLN A 23 5.42 -10.66 7.76
CA GLN A 23 4.91 -11.84 8.48
C GLN A 23 5.78 -12.16 9.68
N LYS A 24 7.09 -11.95 9.57
CA LYS A 24 8.00 -12.17 10.70
C LYS A 24 7.61 -11.24 11.85
N GLU A 25 7.12 -10.05 11.51
CA GLU A 25 6.64 -9.08 12.52
C GLU A 25 5.21 -9.34 12.96
N GLN A 26 4.65 -10.47 12.55
CA GLN A 26 3.35 -10.96 12.97
C GLN A 26 2.19 -10.18 12.38
N TYR A 27 2.45 -9.54 11.24
CA TYR A 27 1.36 -9.01 10.43
C TYR A 27 0.80 -10.12 9.55
N ARG A 28 -0.47 -10.00 9.22
CA ARG A 28 -1.11 -10.90 8.27
C ARG A 28 -1.11 -10.21 6.93
N VAL A 29 -0.45 -10.81 5.94
CA VAL A 29 -0.25 -10.17 4.65
C VAL A 29 -0.91 -10.93 3.53
N ASP A 30 -1.75 -10.23 2.77
CA ASP A 30 -2.30 -10.76 1.55
C ASP A 30 -1.61 -10.09 0.39
N LEU A 31 -0.78 -10.86 -0.29
CA LEU A 31 -0.04 -10.37 -1.43
C LEU A 31 -0.88 -10.68 -2.66
N VAL A 32 -1.07 -9.67 -3.50
N VAL A 32 -1.06 -9.67 -3.51
CA VAL A 32 -1.82 -9.85 -4.75
CA VAL A 32 -1.85 -9.80 -4.73
C VAL A 32 -1.08 -9.19 -5.92
C VAL A 32 -1.00 -9.29 -5.90
N GLU A 33 -1.39 -9.64 -7.13
CA GLU A 33 -0.60 -9.24 -8.29
C GLU A 33 -1.41 -8.47 -9.34
N GLU A 34 -2.69 -8.27 -9.09
CA GLU A 34 -3.57 -7.58 -10.05
C GLU A 34 -4.44 -6.54 -9.31
N GLY A 35 -4.59 -5.37 -9.90
CA GLY A 35 -5.41 -4.32 -9.32
C GLY A 35 -6.86 -4.71 -9.10
N GLN A 36 -7.45 -5.42 -10.06
CA GLN A 36 -8.85 -5.79 -9.90
C GLN A 36 -9.05 -6.77 -8.75
N LYS A 37 -8.08 -7.67 -8.57
CA LYS A 37 -8.10 -8.60 -7.45
C LYS A 37 -7.90 -7.85 -6.14
N ALA A 38 -6.95 -6.92 -6.12
CA ALA A 38 -6.80 -6.07 -4.93
C ALA A 38 -8.09 -5.36 -4.53
N LEU A 39 -8.81 -4.80 -5.51
CA LEU A 39 -10.03 -4.07 -5.21
C LEU A 39 -11.10 -5.01 -4.62
N SER A 40 -11.31 -6.19 -5.22
N SER A 40 -11.28 -6.18 -5.24
CA SER A 40 -12.30 -7.11 -4.66
CA SER A 40 -12.22 -7.18 -4.72
C SER A 40 -11.91 -7.59 -3.26
C SER A 40 -11.91 -7.51 -3.27
N MET A 41 -10.62 -7.77 -3.02
N MET A 41 -10.63 -7.81 -3.00
CA MET A 41 -10.15 -8.15 -1.70
CA MET A 41 -10.22 -8.17 -1.65
C MET A 41 -10.43 -7.05 -0.67
C MET A 41 -10.46 -7.04 -0.66
N ALA A 42 -10.15 -5.81 -1.05
CA ALA A 42 -10.30 -4.67 -0.12
C ALA A 42 -11.77 -4.37 0.13
N LEU A 43 -12.64 -4.73 -0.80
CA LEU A 43 -14.06 -4.57 -0.59
C LEU A 43 -14.59 -5.63 0.38
N GLN A 44 -14.05 -6.84 0.27
CA GLN A 44 -14.50 -7.96 1.12
C GLN A 44 -13.98 -7.91 2.54
N THR A 45 -12.74 -7.46 2.66
CA THR A 45 -12.00 -7.53 3.93
C THR A 45 -11.60 -6.14 4.36
N ASP A 46 -11.64 -5.86 5.66
CA ASP A 46 -11.17 -4.55 6.15
C ASP A 46 -9.68 -4.62 6.47
N TYR A 47 -8.86 -4.13 5.56
CA TYR A 47 -7.44 -4.08 5.77
C TYR A 47 -7.04 -2.89 6.63
N ASP A 48 -6.04 -3.10 7.49
CA ASP A 48 -5.51 -2.00 8.28
C ASP A 48 -4.59 -1.08 7.48
N LEU A 49 -3.97 -1.62 6.43
CA LEU A 49 -3.18 -0.85 5.51
C LEU A 49 -3.20 -1.55 4.16
N ILE A 50 -3.31 -0.75 3.10
CA ILE A 50 -3.22 -1.20 1.71
C ILE A 50 -1.99 -0.49 1.12
N LEU A 51 -1.03 -1.24 0.62
CA LEU A 51 0.24 -0.73 0.11
C LEU A 51 0.30 -0.98 -1.39
N LEU A 52 0.41 0.10 -2.17
CA LEU A 52 0.34 0.03 -3.63
C LEU A 52 1.41 0.90 -4.27
N ASN A 53 1.71 0.63 -5.54
CA ASN A 53 2.43 1.60 -6.41
C ASN A 53 1.45 2.61 -7.02
N VAL A 54 1.97 3.64 -7.68
CA VAL A 54 1.09 4.64 -8.30
C VAL A 54 0.21 4.03 -9.40
N ASN A 55 0.78 3.07 -10.15
CA ASN A 55 0.10 2.36 -11.23
C ASN A 55 0.06 0.89 -10.86
N LEU A 56 -1.14 0.31 -10.79
CA LEU A 56 -1.31 -1.07 -10.35
C LEU A 56 -1.15 -2.03 -11.50
N GLY A 57 -1.08 -1.50 -12.72
CA GLY A 57 -0.98 -2.33 -13.90
C GLY A 57 -2.27 -2.25 -14.69
N ASP A 58 -3.33 -2.85 -14.18
CA ASP A 58 -4.62 -2.81 -14.86
C ASP A 58 -5.45 -1.55 -14.55
N MET A 59 -4.97 -0.72 -13.63
CA MET A 59 -5.62 0.54 -13.30
C MET A 59 -4.63 1.37 -12.50
N MET A 60 -4.89 2.66 -12.35
CA MET A 60 -4.11 3.48 -11.44
C MET A 60 -4.57 3.30 -10.00
N ALA A 61 -3.67 3.57 -9.06
CA ALA A 61 -4.02 3.54 -7.65
C ALA A 61 -5.17 4.52 -7.38
N GLN A 62 -5.18 5.64 -8.08
CA GLN A 62 -6.26 6.60 -7.92
C GLN A 62 -7.63 5.99 -8.27
N ASP A 63 -7.67 5.16 -9.31
CA ASP A 63 -8.90 4.50 -9.73
C ASP A 63 -9.33 3.49 -8.67
N PHE A 64 -8.36 2.73 -8.17
CA PHE A 64 -8.59 1.79 -7.09
C PHE A 64 -9.22 2.52 -5.91
N ALA A 65 -8.66 3.66 -5.54
CA ALA A 65 -9.13 4.38 -4.36
C ALA A 65 -10.54 4.93 -4.57
N GLU A 66 -10.79 5.47 -5.76
CA GLU A 66 -12.11 6.00 -6.08
C GLU A 66 -13.16 4.91 -6.01
N LYS A 67 -12.86 3.74 -6.58
CA LYS A 67 -13.86 2.67 -6.52
C LYS A 67 -14.02 2.14 -5.08
N LEU A 68 -12.92 2.02 -4.35
CA LEU A 68 -13.02 1.56 -2.96
C LEU A 68 -13.83 2.54 -2.12
N SER A 69 -13.67 3.84 -2.38
CA SER A 69 -14.32 4.88 -1.61
C SER A 69 -15.86 4.88 -1.68
N ARG A 70 -16.41 4.19 -2.67
N ARG A 70 -16.41 4.21 -2.68
CA ARG A 70 -17.86 4.21 -2.84
CA ARG A 70 -17.86 4.20 -2.84
C ARG A 70 -18.54 3.52 -1.67
C ARG A 70 -18.47 3.63 -1.58
N THR A 71 -17.84 2.57 -1.05
CA THR A 71 -18.38 1.86 0.13
C THR A 71 -17.45 1.90 1.34
N LYS A 72 -16.18 2.18 1.11
CA LYS A 72 -15.18 2.26 2.20
C LYS A 72 -14.35 3.53 2.08
N PRO A 73 -15.01 4.68 2.26
CA PRO A 73 -14.25 5.91 2.25
C PRO A 73 -13.28 5.93 3.45
N ALA A 74 -12.21 6.65 3.28
CA ALA A 74 -11.18 6.73 4.33
C ALA A 74 -10.57 5.36 4.70
N SER A 75 -10.45 4.49 3.72
CA SER A 75 -9.53 3.37 3.83
C SER A 75 -8.10 3.88 3.92
N VAL A 76 -7.22 3.07 4.50
CA VAL A 76 -5.86 3.50 4.79
C VAL A 76 -4.92 2.96 3.70
N ILE A 77 -4.53 3.85 2.81
CA ILE A 77 -3.70 3.53 1.65
C ILE A 77 -2.35 4.24 1.73
N MET A 78 -1.28 3.50 1.52
N MET A 78 -1.29 3.48 1.49
CA MET A 78 0.05 4.10 1.37
CA MET A 78 0.08 3.97 1.39
C MET A 78 0.62 3.73 0.01
C MET A 78 0.58 3.73 -0.03
N ILE A 79 1.30 4.69 -0.60
CA ILE A 79 1.87 4.52 -1.94
C ILE A 79 3.39 4.46 -1.87
N LEU A 80 3.95 3.41 -2.47
CA LEU A 80 5.40 3.22 -2.57
C LEU A 80 5.79 3.31 -4.02
N ASP A 81 6.72 4.21 -4.35
CA ASP A 81 7.14 4.28 -5.75
C ASP A 81 8.40 5.14 -5.90
N HIS A 82 8.95 5.10 -7.08
CA HIS A 82 10.08 5.95 -7.43
C HIS A 82 9.70 7.43 -7.39
N TRP A 83 10.71 8.28 -7.19
N TRP A 83 10.70 8.28 -7.21
CA TRP A 83 10.51 9.73 -7.11
CA TRP A 83 10.48 9.69 -7.09
C TRP A 83 9.72 10.26 -8.29
C TRP A 83 9.73 10.28 -8.29
N GLU A 84 10.15 9.93 -9.50
CA GLU A 84 9.53 10.47 -10.71
C GLU A 84 8.07 10.07 -10.77
N ASP A 85 7.78 8.79 -10.51
CA ASP A 85 6.42 8.27 -10.62
C ASP A 85 5.49 8.94 -9.63
N LEU A 86 5.98 9.18 -8.41
CA LEU A 86 5.18 9.82 -7.39
C LEU A 86 5.02 11.31 -7.67
N GLN A 87 6.10 11.96 -8.11
CA GLN A 87 6.05 13.39 -8.36
C GLN A 87 5.00 13.76 -9.40
N GLU A 88 4.89 12.96 -10.45
CA GLU A 88 3.95 13.29 -11.51
C GLU A 88 2.51 13.17 -11.06
N GLU A 89 2.28 12.49 -9.94
CA GLU A 89 0.92 12.22 -9.46
C GLU A 89 0.73 12.74 -8.05
N LEU A 90 1.65 13.57 -7.57
CA LEU A 90 1.69 13.85 -6.13
C LEU A 90 0.45 14.56 -5.62
N GLU A 91 -0.06 15.54 -6.36
CA GLU A 91 -1.23 16.26 -5.89
C GLU A 91 -2.44 15.33 -5.74
N VAL A 92 -2.60 14.39 -6.66
N VAL A 92 -2.53 14.38 -6.67
CA VAL A 92 -3.75 13.48 -6.53
CA VAL A 92 -3.62 13.40 -6.72
C VAL A 92 -3.48 12.43 -5.44
C VAL A 92 -3.49 12.36 -5.59
N VAL A 93 -2.27 11.90 -5.36
CA VAL A 93 -1.95 10.94 -4.29
C VAL A 93 -2.27 11.58 -2.93
N GLN A 94 -1.99 12.87 -2.77
CA GLN A 94 -2.24 13.55 -1.51
C GLN A 94 -3.74 13.62 -1.18
N ARG A 95 -4.60 13.33 -2.15
CA ARG A 95 -6.03 13.31 -1.91
C ARG A 95 -6.57 11.94 -1.50
N PHE A 96 -5.81 10.87 -1.74
CA PHE A 96 -6.35 9.55 -1.41
C PHE A 96 -5.45 8.64 -0.58
N ALA A 97 -4.20 9.02 -0.37
CA ALA A 97 -3.29 8.19 0.40
C ALA A 97 -2.94 8.87 1.71
N VAL A 98 -2.85 8.10 2.80
CA VAL A 98 -2.44 8.68 4.09
C VAL A 98 -0.94 8.97 4.13
N SER A 99 -0.17 8.26 3.31
CA SER A 99 1.28 8.35 3.35
C SER A 99 1.83 7.90 2.03
N TYR A 100 3.04 8.34 1.70
CA TYR A 100 3.77 7.81 0.57
C TYR A 100 5.25 7.71 0.94
N ILE A 101 5.91 6.75 0.30
CA ILE A 101 7.31 6.47 0.57
C ILE A 101 8.03 6.32 -0.77
N TYR A 102 9.23 6.86 -0.84
CA TYR A 102 10.00 6.79 -2.09
C TYR A 102 10.94 5.60 -2.14
N LYS A 103 10.90 4.89 -3.27
CA LYS A 103 11.91 3.90 -3.60
C LYS A 103 13.17 4.63 -4.03
N PRO A 104 14.34 3.99 -3.90
CA PRO A 104 14.57 2.68 -3.30
C PRO A 104 14.56 2.76 -1.78
N VAL A 105 14.04 1.73 -1.15
CA VAL A 105 13.97 1.68 0.30
C VAL A 105 14.35 0.29 0.76
N LEU A 106 15.03 0.19 1.90
CA LEU A 106 15.34 -1.10 2.48
C LEU A 106 14.10 -1.66 3.15
N ILE A 107 13.92 -2.96 3.03
CA ILE A 107 12.75 -3.61 3.63
C ILE A 107 12.62 -3.29 5.14
N GLU A 108 13.73 -3.28 5.85
CA GLU A 108 13.64 -3.05 7.30
C GLU A 108 13.05 -1.66 7.58
N ASN A 109 13.39 -0.68 6.74
CA ASN A 109 12.85 0.67 6.95
C ASN A 109 11.39 0.78 6.55
N LEU A 110 10.99 0.08 5.49
CA LEU A 110 9.62 0.10 5.07
C LEU A 110 8.75 -0.53 6.14
N VAL A 111 9.23 -1.64 6.73
CA VAL A 111 8.46 -2.29 7.78
C VAL A 111 8.35 -1.34 8.97
N ALA A 112 9.44 -0.65 9.29
CA ALA A 112 9.42 0.30 10.40
C ALA A 112 8.41 1.43 10.16
N ARG A 113 8.34 1.91 8.93
N ARG A 113 8.36 1.93 8.93
CA ARG A 113 7.39 2.97 8.60
CA ARG A 113 7.40 2.97 8.59
C ARG A 113 5.93 2.49 8.66
C ARG A 113 5.98 2.46 8.76
N ILE A 114 5.70 1.25 8.24
CA ILE A 114 4.38 0.66 8.32
C ILE A 114 3.96 0.52 9.78
N SER A 115 4.85 0.01 10.62
CA SER A 115 4.52 -0.14 12.02
C SER A 115 4.20 1.21 12.64
N ALA A 116 4.94 2.23 12.24
CA ALA A 116 4.78 3.53 12.87
C ALA A 116 3.43 4.14 12.47
N ILE A 117 3.00 3.89 11.23
CA ILE A 117 1.73 4.43 10.77
C ILE A 117 0.61 3.92 11.66
N PHE A 118 0.69 2.65 12.05
CA PHE A 118 -0.33 2.07 12.91
C PHE A 118 -0.33 2.73 14.29
N ARG A 119 0.80 3.35 14.67
CA ARG A 119 0.89 4.07 15.94
C ARG A 119 0.56 5.54 15.83
N GLY A 120 0.17 5.99 14.63
CA GLY A 120 -0.23 7.36 14.46
C GLY A 120 0.91 8.27 14.08
N ARG A 121 1.99 7.71 13.57
N ARG A 121 2.01 7.69 13.64
CA ARG A 121 3.16 8.50 13.22
CA ARG A 121 3.18 8.44 13.23
C ARG A 121 3.69 8.21 11.83
C ARG A 121 3.44 8.16 11.75
N ASP A 122 3.65 9.22 10.98
CA ASP A 122 4.06 9.08 9.59
C ASP A 122 5.57 9.26 9.46
N PHE A 123 6.31 8.76 10.43
CA PHE A 123 7.76 8.87 10.42
C PHE A 123 8.38 7.84 11.35
N ILE A 124 9.65 7.53 11.13
CA ILE A 124 10.43 6.68 12.03
C ILE A 124 11.64 7.42 12.57
#